data_6JDS
#
_entry.id   6JDS
#
_cell.length_a   99.976
_cell.length_b   99.976
_cell.length_c   83.367
_cell.angle_alpha   90.00
_cell.angle_beta   90.00
_cell.angle_gamma   90.00
#
_symmetry.space_group_name_H-M   'P 43 21 2'
#
loop_
_entity.id
_entity.type
_entity.pdbx_description
1 polymer PP1b
2 non-polymer 'ZINC ION'
3 water water
#
_entity_poly.entity_id   1
_entity_poly.type   'polypeptide(L)'
_entity_poly.pdbx_seq_one_letter_code
;GKKSRMCGYCGAPAPYATACGLDVCVYHTHFHQHCPVIIWCGHPAGSGSCSECEPPLGKGTSPLDEVLEQVPYKPPRTVI
MHVEQGLTPLDPGRYQTRRGLVSVRRGIRGNEVDLPDGDYASTALLPTCKEINMVAVASNVLRSRFIIGPPGAGKTHWLL
QQVQDGDVIYTPTHQTMLDMIRALGTCRFNVPAGTTLQFPAPSRTGPWVRILAGGWCPGKNSFLDEAAYCNHLDVLRLLS
KTTLTCLGDFKQLHPVGFDSHCYVFDIMPQTQL
;
_entity_poly.pdbx_strand_id   A
#
loop_
_chem_comp.id
_chem_comp.type
_chem_comp.name
_chem_comp.formula
ZN non-polymer 'ZINC ION' 'Zn 2'
#
# COMPACT_ATOMS: atom_id res chain seq x y z
N SER A 4 4.46 -16.22 -6.48
CA SER A 4 5.91 -16.06 -6.15
C SER A 4 6.19 -14.68 -5.58
N ARG A 5 6.15 -14.57 -4.25
CA ARG A 5 6.26 -13.28 -3.57
C ARG A 5 7.71 -12.84 -3.44
N MET A 6 7.93 -11.53 -3.62
CA MET A 6 9.28 -10.96 -3.61
C MET A 6 9.44 -9.98 -2.45
N CYS A 7 10.67 -9.85 -1.97
CA CYS A 7 10.97 -9.05 -0.80
C CYS A 7 10.74 -7.58 -1.11
N GLY A 8 10.04 -6.91 -0.21
CA GLY A 8 9.68 -5.50 -0.38
C GLY A 8 10.87 -4.57 -0.29
N TYR A 9 11.96 -5.04 0.33
CA TYR A 9 13.20 -4.27 0.41
C TYR A 9 14.08 -4.49 -0.83
N CYS A 10 14.44 -5.75 -1.08
CA CYS A 10 15.50 -6.09 -2.05
C CYS A 10 15.04 -6.84 -3.31
N GLY A 11 13.81 -7.35 -3.32
CA GLY A 11 13.27 -8.03 -4.50
C GLY A 11 13.55 -9.53 -4.58
N ALA A 12 14.32 -10.06 -3.63
CA ALA A 12 14.62 -11.50 -3.61
C ALA A 12 13.38 -12.27 -3.15
N PRO A 13 13.34 -13.60 -3.41
CA PRO A 13 12.19 -14.40 -2.97
C PRO A 13 11.88 -14.20 -1.48
N ALA A 14 10.59 -14.05 -1.17
CA ALA A 14 10.14 -13.72 0.18
C ALA A 14 9.15 -14.77 0.71
N PRO A 15 9.66 -15.76 1.48
CA PRO A 15 8.77 -16.72 2.12
C PRO A 15 8.02 -16.18 3.33
N TYR A 16 8.48 -15.06 3.89
CA TYR A 16 7.97 -14.52 5.15
C TYR A 16 7.38 -13.13 4.95
N ALA A 17 6.67 -12.65 5.97
CA ALA A 17 6.04 -11.34 5.93
C ALA A 17 6.04 -10.68 7.30
N THR A 18 6.00 -9.35 7.30
CA THR A 18 5.94 -8.59 8.54
C THR A 18 4.50 -8.60 9.01
N ALA A 19 4.29 -8.28 10.28
CA ALA A 19 2.95 -8.14 10.83
C ALA A 19 2.17 -7.02 10.13
N CYS A 20 2.90 -6.03 9.60
CA CYS A 20 2.30 -4.87 8.92
C CYS A 20 2.14 -5.04 7.40
N GLY A 21 2.41 -6.23 6.87
CA GLY A 21 2.06 -6.56 5.48
C GLY A 21 3.17 -6.51 4.43
N LEU A 22 4.41 -6.30 4.84
CA LEU A 22 5.54 -6.29 3.93
C LEU A 22 6.14 -7.68 3.79
N ASP A 23 6.34 -8.14 2.55
CA ASP A 23 7.01 -9.41 2.30
C ASP A 23 8.51 -9.23 2.46
N VAL A 24 9.17 -10.21 3.07
CA VAL A 24 10.61 -10.13 3.30
C VAL A 24 11.33 -11.45 3.06
N CYS A 25 12.54 -11.35 2.52
CA CYS A 25 13.40 -12.51 2.33
C CYS A 25 14.01 -12.92 3.67
N VAL A 26 14.72 -14.05 3.67
CA VAL A 26 15.37 -14.57 4.87
C VAL A 26 16.23 -13.50 5.54
N TYR A 27 17.02 -12.79 4.73
CA TYR A 27 17.90 -11.75 5.26
C TYR A 27 17.12 -10.65 5.97
N HIS A 28 16.11 -10.09 5.29
CA HIS A 28 15.39 -8.93 5.80
C HIS A 28 14.35 -9.23 6.88
N THR A 29 14.23 -10.49 7.30
CA THR A 29 13.43 -10.83 8.49
C THR A 29 13.99 -10.19 9.76
N HIS A 30 15.30 -9.92 9.78
CA HIS A 30 15.98 -9.40 10.97
C HIS A 30 16.26 -7.90 10.96
N PHE A 31 15.79 -7.19 9.93
CA PHE A 31 16.03 -5.75 9.82
C PHE A 31 14.73 -4.97 9.68
N HIS A 32 13.73 -5.37 10.48
CA HIS A 32 12.44 -4.70 10.48
C HIS A 32 12.00 -4.44 11.92
N GLN A 33 12.50 -3.35 12.48
CA GLN A 33 12.27 -2.98 13.88
C GLN A 33 10.80 -2.60 14.13
N HIS A 34 10.12 -2.09 13.10
CA HIS A 34 8.76 -1.58 13.22
C HIS A 34 7.77 -2.54 13.90
N CYS A 35 7.80 -3.81 13.49
CA CYS A 35 6.82 -4.78 13.98
C CYS A 35 7.38 -6.21 13.91
N PRO A 36 6.72 -7.18 14.58
CA PRO A 36 7.22 -8.56 14.59
C PRO A 36 7.25 -9.23 13.22
N VAL A 37 8.22 -10.12 13.04
CA VAL A 37 8.32 -10.94 11.83
C VAL A 37 8.46 -12.40 12.26
N ILE A 38 7.41 -13.19 12.00
CA ILE A 38 7.44 -14.62 12.30
C ILE A 38 8.33 -15.29 11.26
N ILE A 39 9.25 -16.14 11.73
CA ILE A 39 10.25 -16.75 10.86
C ILE A 39 10.14 -18.28 10.84
N TRP A 40 11.09 -18.92 10.16
CA TRP A 40 11.14 -20.38 9.97
C TRP A 40 10.89 -21.26 11.20
N CYS A 41 11.25 -20.77 12.39
CA CYS A 41 11.01 -21.54 13.62
C CYS A 41 9.62 -21.32 14.22
N GLY A 42 8.84 -20.40 13.66
CA GLY A 42 7.48 -20.14 14.11
C GLY A 42 7.35 -19.01 15.14
N HIS A 43 8.49 -18.47 15.57
CA HIS A 43 8.52 -17.41 16.58
C HIS A 43 8.95 -16.10 15.94
N PRO A 44 8.68 -14.96 16.61
CA PRO A 44 9.17 -13.68 16.09
C PRO A 44 10.70 -13.64 16.08
N ALA A 45 11.28 -13.03 15.04
CA ALA A 45 12.73 -12.94 14.92
C ALA A 45 13.33 -12.14 16.08
N GLY A 46 14.41 -12.65 16.64
CA GLY A 46 15.06 -12.01 17.78
C GLY A 46 14.32 -12.07 19.10
N SER A 47 13.27 -12.89 19.17
CA SER A 47 12.48 -13.03 20.41
C SER A 47 13.21 -13.87 21.44
N GLY A 48 14.06 -14.79 20.98
CA GLY A 48 14.78 -15.70 21.86
C GLY A 48 13.93 -16.86 22.34
N SER A 49 12.83 -17.14 21.63
CA SER A 49 11.94 -18.24 21.99
C SER A 49 12.58 -19.61 21.77
N CYS A 50 13.49 -19.67 20.80
CA CYS A 50 14.29 -20.87 20.57
C CYS A 50 15.65 -20.46 20.01
N SER A 51 16.51 -21.44 19.76
CA SER A 51 17.84 -21.20 19.22
C SER A 51 17.85 -20.37 17.93
N GLU A 52 16.89 -20.62 17.05
CA GLU A 52 16.85 -19.98 15.74
C GLU A 52 16.47 -18.50 15.78
N CYS A 53 15.63 -18.11 16.73
CA CYS A 53 15.26 -16.70 16.89
C CYS A 53 16.01 -16.01 18.05
N GLU A 54 17.17 -16.56 18.43
CA GLU A 54 18.05 -15.91 19.42
C GLU A 54 18.86 -14.72 18.88
N PRO A 55 19.36 -14.83 17.63
CA PRO A 55 20.17 -13.73 17.10
C PRO A 55 19.46 -12.38 17.15
N PRO A 56 20.18 -11.30 17.50
CA PRO A 56 19.55 -9.99 17.67
C PRO A 56 19.16 -9.34 16.34
N LEU A 57 18.12 -8.51 16.39
CA LEU A 57 17.70 -7.71 15.24
C LEU A 57 18.73 -6.64 14.89
N GLY A 58 18.73 -6.25 13.62
CA GLY A 58 19.54 -5.12 13.16
C GLY A 58 18.65 -3.92 12.88
N LYS A 59 19.26 -2.75 12.77
CA LYS A 59 18.54 -1.52 12.43
C LYS A 59 18.38 -1.43 10.92
N GLY A 60 17.16 -1.19 10.47
CA GLY A 60 16.86 -1.11 9.04
C GLY A 60 17.47 0.11 8.40
N THR A 61 17.87 -0.02 7.14
CA THR A 61 18.57 1.06 6.42
C THR A 61 17.83 1.51 5.16
N SER A 62 16.54 1.19 5.06
CA SER A 62 15.71 1.69 3.96
C SER A 62 14.94 2.92 4.43
N PRO A 63 14.73 3.89 3.53
CA PRO A 63 13.90 5.04 3.93
C PRO A 63 12.47 4.63 4.31
N LEU A 64 12.01 3.47 3.85
CA LEU A 64 10.76 2.87 4.34
C LEU A 64 10.78 2.69 5.87
N ASP A 65 11.92 2.26 6.40
CA ASP A 65 12.09 2.11 7.84
C ASP A 65 11.99 3.45 8.57
N GLU A 66 12.51 4.51 7.96
CA GLU A 66 12.33 5.88 8.48
C GLU A 66 10.86 6.28 8.50
N VAL A 67 10.14 6.00 7.41
CA VAL A 67 8.72 6.31 7.34
C VAL A 67 7.95 5.58 8.44
N LEU A 68 8.33 4.32 8.70
CA LEU A 68 7.64 3.49 9.69
C LEU A 68 7.90 3.89 11.14
N GLU A 69 8.94 4.70 11.39
CA GLU A 69 9.18 5.24 12.72
C GLU A 69 8.04 6.16 13.17
N GLN A 70 7.35 6.78 12.22
CA GLN A 70 6.21 7.65 12.50
C GLN A 70 4.86 6.91 12.46
N VAL A 71 4.89 5.60 12.27
CA VAL A 71 3.67 4.78 12.18
C VAL A 71 3.73 3.63 13.18
N PRO A 72 3.30 3.88 14.43
CA PRO A 72 3.40 2.84 15.48
C PRO A 72 2.57 1.60 15.18
N TYR A 73 3.18 0.43 15.36
CA TYR A 73 2.50 -0.83 15.12
C TYR A 73 1.44 -1.11 16.19
N LYS A 74 0.21 -1.31 15.75
CA LYS A 74 -0.91 -1.63 16.63
C LYS A 74 -1.32 -3.08 16.37
N PRO A 75 -0.92 -4.01 17.26
CA PRO A 75 -1.19 -5.42 17.01
C PRO A 75 -2.68 -5.77 17.12
N PRO A 76 -3.21 -6.49 16.12
CA PRO A 76 -4.60 -6.91 16.18
C PRO A 76 -4.77 -8.10 17.12
N ARG A 77 -6.01 -8.34 17.55
CA ARG A 77 -6.31 -9.46 18.44
C ARG A 77 -6.35 -10.75 17.64
N THR A 78 -5.98 -11.86 18.28
CA THR A 78 -6.07 -13.18 17.65
C THR A 78 -7.53 -13.55 17.45
N VAL A 79 -7.88 -13.93 16.22
CA VAL A 79 -9.23 -14.34 15.86
C VAL A 79 -9.17 -15.76 15.30
N ILE A 80 -10.21 -16.54 15.56
CA ILE A 80 -10.28 -17.92 15.09
C ILE A 80 -10.87 -17.96 13.69
N MET A 81 -10.12 -18.55 12.76
CA MET A 81 -10.56 -18.72 11.39
C MET A 81 -11.25 -20.07 11.24
N HIS A 82 -12.58 -20.05 11.23
CA HIS A 82 -13.36 -21.25 10.94
C HIS A 82 -13.30 -21.52 9.45
N VAL A 83 -12.97 -22.75 9.08
CA VAL A 83 -12.88 -23.14 7.68
C VAL A 83 -13.76 -24.36 7.41
N GLU A 84 -14.62 -24.25 6.41
CA GLU A 84 -15.50 -25.35 6.00
C GLU A 84 -15.72 -25.28 4.49
N GLN A 85 -15.44 -26.40 3.80
CA GLN A 85 -15.52 -26.47 2.33
C GLN A 85 -14.66 -25.41 1.65
N GLY A 86 -13.52 -25.08 2.25
CA GLY A 86 -12.62 -24.06 1.71
C GLY A 86 -13.14 -22.65 1.80
N LEU A 87 -14.05 -22.40 2.74
CA LEU A 87 -14.62 -21.06 2.95
C LEU A 87 -14.49 -20.66 4.41
N THR A 88 -14.40 -19.36 4.67
CA THR A 88 -14.31 -18.84 6.03
C THR A 88 -15.14 -17.57 6.17
N PRO A 89 -15.70 -17.32 7.38
CA PRO A 89 -16.37 -16.03 7.60
C PRO A 89 -15.44 -14.82 7.61
N LEU A 90 -14.17 -15.04 7.94
CA LEU A 90 -13.20 -13.93 8.05
C LEU A 90 -13.00 -13.21 6.72
N ASP A 91 -12.75 -11.91 6.80
CA ASP A 91 -12.66 -11.06 5.61
C ASP A 91 -11.46 -11.42 4.73
N PRO A 92 -11.49 -11.00 3.45
CA PRO A 92 -10.32 -11.20 2.59
C PRO A 92 -9.07 -10.50 3.15
N GLY A 93 -7.92 -11.15 2.98
CA GLY A 93 -6.66 -10.61 3.47
C GLY A 93 -5.67 -11.72 3.77
N ARG A 94 -4.56 -11.34 4.38
CA ARG A 94 -3.51 -12.29 4.73
C ARG A 94 -3.45 -12.51 6.23
N TYR A 95 -3.25 -13.76 6.62
CA TYR A 95 -3.31 -14.15 8.02
C TYR A 95 -2.15 -15.04 8.38
N GLN A 96 -1.54 -14.76 9.53
CA GLN A 96 -0.50 -15.63 10.08
C GLN A 96 -1.19 -16.71 10.90
N THR A 97 -0.90 -17.97 10.60
CA THR A 97 -1.43 -19.10 11.37
C THR A 97 -0.27 -20.03 11.76
N ARG A 98 -0.59 -21.12 12.46
CA ARG A 98 0.40 -22.14 12.80
C ARG A 98 0.87 -22.93 11.57
N ARG A 99 0.10 -22.88 10.48
CA ARG A 99 0.53 -23.46 9.20
C ARG A 99 1.30 -22.44 8.35
N GLY A 100 1.66 -21.30 8.92
CA GLY A 100 2.30 -20.22 8.18
C GLY A 100 1.28 -19.24 7.60
N LEU A 101 1.71 -18.48 6.59
CA LEU A 101 0.87 -17.46 5.99
C LEU A 101 -0.21 -18.06 5.12
N VAL A 102 -1.40 -17.47 5.18
CA VAL A 102 -2.58 -17.96 4.48
C VAL A 102 -3.33 -16.77 3.86
N SER A 103 -3.71 -16.91 2.59
CA SER A 103 -4.48 -15.88 1.89
C SER A 103 -5.96 -16.22 1.89
N VAL A 104 -6.79 -15.20 2.08
CA VAL A 104 -8.24 -15.34 2.01
C VAL A 104 -8.71 -14.39 0.92
N ARG A 105 -9.37 -14.94 -0.10
CA ARG A 105 -9.78 -14.18 -1.27
C ARG A 105 -11.29 -14.25 -1.49
N ARG A 106 -11.88 -13.15 -1.93
CA ARG A 106 -13.30 -13.12 -2.27
C ARG A 106 -13.57 -13.90 -3.56
N GLY A 107 -14.65 -14.66 -3.57
CA GLY A 107 -15.06 -15.45 -4.73
C GLY A 107 -16.57 -15.54 -4.84
N ILE A 108 -17.05 -16.37 -5.75
CA ILE A 108 -18.49 -16.53 -5.98
C ILE A 108 -19.20 -17.08 -4.73
N ARG A 109 -18.63 -18.13 -4.15
CA ARG A 109 -19.20 -18.80 -2.98
C ARG A 109 -19.01 -17.99 -1.70
N GLY A 110 -17.97 -17.17 -1.67
CA GLY A 110 -17.66 -16.34 -0.50
C GLY A 110 -16.17 -16.15 -0.35
N ASN A 111 -15.70 -16.06 0.89
CA ASN A 111 -14.28 -15.86 1.18
C ASN A 111 -13.52 -17.18 1.12
N GLU A 112 -12.80 -17.40 0.03
CA GLU A 112 -12.12 -18.68 -0.22
C GLU A 112 -10.74 -18.73 0.44
N VAL A 113 -10.44 -19.87 1.07
CA VAL A 113 -9.13 -20.09 1.70
C VAL A 113 -8.70 -21.55 1.53
N ASP A 114 -7.45 -21.75 1.15
CA ASP A 114 -6.92 -23.07 0.82
C ASP A 114 -6.40 -23.78 2.07
N LEU A 115 -7.32 -24.27 2.90
CA LEU A 115 -7.00 -25.01 4.11
C LEU A 115 -8.00 -26.13 4.32
N PRO A 116 -7.60 -27.20 5.03
CA PRO A 116 -8.57 -28.25 5.38
C PRO A 116 -9.64 -27.74 6.34
N ASP A 117 -10.76 -28.46 6.42
CA ASP A 117 -11.83 -28.13 7.35
C ASP A 117 -11.29 -28.08 8.78
N GLY A 118 -11.64 -27.02 9.50
CA GLY A 118 -11.20 -26.87 10.88
C GLY A 118 -11.29 -25.45 11.39
N ASP A 119 -10.65 -25.23 12.55
CA ASP A 119 -10.63 -23.92 13.19
C ASP A 119 -9.19 -23.56 13.54
N TYR A 120 -8.74 -22.41 13.06
CA TYR A 120 -7.33 -22.03 13.16
C TYR A 120 -7.19 -20.65 13.80
N ALA A 121 -6.36 -20.56 14.84
CA ALA A 121 -6.03 -19.28 15.45
C ALA A 121 -5.23 -18.46 14.42
N SER A 122 -5.64 -17.21 14.21
CA SER A 122 -5.05 -16.39 13.16
C SER A 122 -4.81 -14.97 13.61
N THR A 123 -3.80 -14.34 13.00
CA THR A 123 -3.50 -12.93 13.21
C THR A 123 -3.48 -12.26 11.84
N ALA A 124 -4.44 -11.38 11.59
CA ALA A 124 -4.53 -10.68 10.32
C ALA A 124 -3.34 -9.75 10.17
N LEU A 125 -2.71 -9.78 9.00
CA LEU A 125 -1.66 -8.81 8.68
C LEU A 125 -2.33 -7.47 8.44
N LEU A 126 -1.66 -6.38 8.83
CA LEU A 126 -2.18 -5.06 8.58
C LEU A 126 -1.88 -4.66 7.13
N PRO A 127 -2.64 -3.70 6.58
CA PRO A 127 -2.40 -3.22 5.21
C PRO A 127 -1.31 -2.14 5.12
N THR A 128 -0.68 -1.81 6.23
CA THR A 128 0.32 -0.74 6.32
C THR A 128 1.33 -0.74 5.18
N CYS A 129 1.98 -1.89 4.94
CA CYS A 129 3.00 -2.01 3.90
C CYS A 129 2.61 -2.99 2.80
N LYS A 130 1.30 -3.11 2.58
CA LYS A 130 0.75 -3.99 1.55
C LYS A 130 1.20 -3.54 0.16
N GLU A 131 1.82 -4.46 -0.58
CA GLU A 131 2.25 -4.24 -1.96
C GLU A 131 3.27 -3.11 -2.15
N ILE A 132 4.10 -2.87 -1.13
CA ILE A 132 5.22 -1.94 -1.26
C ILE A 132 6.45 -2.69 -1.77
N ASN A 133 7.12 -2.09 -2.75
CA ASN A 133 8.30 -2.67 -3.39
C ASN A 133 9.32 -1.55 -3.59
N MET A 134 10.30 -1.49 -2.70
CA MET A 134 11.26 -0.38 -2.67
C MET A 134 12.22 -0.38 -3.85
N VAL A 135 12.48 -1.57 -4.42
CA VAL A 135 13.28 -1.66 -5.64
C VAL A 135 12.57 -0.92 -6.77
N ALA A 136 11.27 -1.18 -6.92
CA ALA A 136 10.45 -0.52 -7.94
C ALA A 136 10.31 0.97 -7.68
N VAL A 137 10.22 1.35 -6.40
CA VAL A 137 10.10 2.75 -6.00
C VAL A 137 11.35 3.53 -6.42
N ALA A 138 12.52 2.95 -6.21
CA ALA A 138 13.79 3.60 -6.55
C ALA A 138 13.92 3.82 -8.05
N SER A 139 13.44 2.85 -8.84
CA SER A 139 13.46 2.96 -10.29
C SER A 139 12.43 3.98 -10.78
N ASN A 140 11.18 3.82 -10.34
CA ASN A 140 10.07 4.65 -10.81
C ASN A 140 10.16 6.13 -10.41
N VAL A 141 10.72 6.40 -9.23
CA VAL A 141 10.84 7.78 -8.75
C VAL A 141 11.75 8.64 -9.64
N LEU A 142 12.79 8.04 -10.20
CA LEU A 142 13.72 8.75 -11.09
C LEU A 142 13.09 9.07 -12.45
N ARG A 143 12.14 8.25 -12.87
CA ARG A 143 11.40 8.48 -14.13
C ARG A 143 10.03 9.13 -13.88
N SER A 144 9.84 9.73 -12.70
CA SER A 144 8.64 10.48 -12.36
C SER A 144 8.91 11.98 -12.56
N ARG A 145 7.92 12.81 -12.29
CA ARG A 145 8.07 14.25 -12.40
C ARG A 145 7.16 14.98 -11.43
N PHE A 146 7.71 15.94 -10.68
CA PHE A 146 6.90 16.82 -9.86
C PHE A 146 6.72 18.13 -10.63
N ILE A 147 5.46 18.49 -10.88
CA ILE A 147 5.13 19.69 -11.64
C ILE A 147 4.97 20.87 -10.69
N ILE A 148 5.84 21.87 -10.82
CA ILE A 148 5.76 23.09 -10.02
C ILE A 148 4.62 23.98 -10.52
N GLY A 154 -5.81 28.32 -9.56
CA GLY A 154 -4.73 27.34 -9.74
C GLY A 154 -4.46 27.04 -11.19
N LYS A 155 -3.46 26.19 -11.43
CA LYS A 155 -3.06 25.80 -12.78
C LYS A 155 -3.71 24.47 -13.18
N THR A 156 -5.03 24.41 -13.09
CA THR A 156 -5.79 23.21 -13.47
C THR A 156 -5.99 23.11 -14.98
N HIS A 157 -5.78 24.24 -15.69
CA HIS A 157 -5.83 24.26 -17.15
C HIS A 157 -4.71 23.41 -17.75
N TRP A 158 -3.58 23.33 -17.06
CA TRP A 158 -2.47 22.47 -17.46
C TRP A 158 -2.87 21.00 -17.45
N LEU A 159 -3.57 20.60 -16.39
CA LEU A 159 -4.00 19.21 -16.21
C LEU A 159 -4.98 18.77 -17.30
N LEU A 160 -5.93 19.65 -17.63
CA LEU A 160 -6.95 19.35 -18.65
C LEU A 160 -6.34 19.11 -20.04
N GLN A 161 -5.27 19.82 -20.36
CA GLN A 161 -4.57 19.63 -21.63
C GLN A 161 -3.86 18.27 -21.67
N GLN A 162 -3.22 17.91 -20.56
CA GLN A 162 -2.40 16.69 -20.48
C GLN A 162 -3.23 15.42 -20.30
N VAL A 163 -4.29 15.49 -19.49
CA VAL A 163 -5.05 14.31 -19.10
C VAL A 163 -5.78 13.64 -20.28
N GLN A 164 -5.85 12.31 -20.22
CA GLN A 164 -6.52 11.49 -21.23
C GLN A 164 -7.51 10.55 -20.54
N ASP A 165 -8.34 9.89 -21.36
CA ASP A 165 -9.41 9.03 -20.83
C ASP A 165 -8.88 7.80 -20.10
N GLY A 166 -7.72 7.29 -20.55
CA GLY A 166 -7.12 6.11 -19.93
C GLY A 166 -6.26 6.39 -18.69
N ASP A 167 -6.08 7.67 -18.37
CA ASP A 167 -5.24 8.06 -17.23
C ASP A 167 -5.96 7.87 -15.89
N VAL A 168 -5.18 7.94 -14.80
CA VAL A 168 -5.73 7.85 -13.43
C VAL A 168 -5.16 8.99 -12.59
N ILE A 169 -6.02 9.64 -11.82
CA ILE A 169 -5.62 10.75 -10.96
C ILE A 169 -5.89 10.38 -9.50
N TYR A 170 -4.83 10.15 -8.75
CA TYR A 170 -4.94 9.83 -7.32
C TYR A 170 -5.00 11.11 -6.49
N THR A 171 -5.73 11.05 -5.38
CA THR A 171 -5.98 12.24 -4.57
C THR A 171 -6.19 11.85 -3.09
N PRO A 172 -5.65 12.65 -2.15
CA PRO A 172 -5.59 12.25 -0.73
C PRO A 172 -6.92 12.11 0.01
N THR A 173 -7.71 13.18 0.04
CA THR A 173 -8.94 13.20 0.86
C THR A 173 -10.21 13.20 0.03
N HIS A 174 -11.35 13.04 0.69
CA HIS A 174 -12.65 13.10 0.03
C HIS A 174 -12.90 14.50 -0.55
N GLN A 175 -12.43 15.53 0.15
CA GLN A 175 -12.60 16.91 -0.30
C GLN A 175 -11.78 17.22 -1.55
N THR A 176 -10.51 16.79 -1.55
CA THR A 176 -9.64 16.97 -2.71
C THR A 176 -10.15 16.16 -3.91
N MET A 177 -10.73 15.00 -3.64
CA MET A 177 -11.33 14.15 -4.67
C MET A 177 -12.54 14.85 -5.29
N LEU A 178 -13.36 15.48 -4.45
CA LEU A 178 -14.54 16.21 -4.91
C LEU A 178 -14.14 17.39 -5.79
N ASP A 179 -13.14 18.15 -5.35
CA ASP A 179 -12.67 19.32 -6.09
C ASP A 179 -12.02 18.95 -7.42
N MET A 180 -11.36 17.79 -7.46
CA MET A 180 -10.75 17.29 -8.69
C MET A 180 -11.83 16.88 -9.71
N ILE A 181 -12.91 16.31 -9.21
CA ILE A 181 -14.04 15.90 -10.06
C ILE A 181 -14.70 17.13 -10.71
N ARG A 182 -14.92 18.18 -9.92
CA ARG A 182 -15.49 19.42 -10.43
C ARG A 182 -14.60 20.08 -11.47
N ALA A 183 -13.29 20.04 -11.25
CA ALA A 183 -12.32 20.66 -12.16
C ALA A 183 -12.23 19.93 -13.50
N LEU A 184 -12.32 18.61 -13.48
CA LEU A 184 -12.26 17.80 -14.70
C LEU A 184 -13.56 17.84 -15.50
N GLY A 185 -14.69 17.86 -14.79
CA GLY A 185 -16.00 17.81 -15.42
C GLY A 185 -16.43 16.37 -15.67
N THR A 186 -16.16 15.88 -16.88
CA THR A 186 -16.47 14.50 -17.24
C THR A 186 -15.36 13.57 -16.76
N CYS A 187 -15.67 12.72 -15.79
CA CYS A 187 -14.69 11.78 -15.24
C CYS A 187 -15.35 10.59 -14.52
N ARG A 188 -14.61 9.50 -14.43
CA ARG A 188 -15.08 8.29 -13.77
C ARG A 188 -14.52 8.20 -12.35
N PHE A 189 -15.32 7.65 -11.44
CA PHE A 189 -14.90 7.46 -10.04
C PHE A 189 -15.92 6.62 -9.27
N ASN A 190 -15.49 6.08 -8.14
CA ASN A 190 -16.39 5.46 -7.16
C ASN A 190 -16.47 6.35 -5.94
N VAL A 191 -17.70 6.64 -5.50
CA VAL A 191 -17.90 7.52 -4.34
C VAL A 191 -17.47 6.77 -3.09
N PRO A 192 -16.56 7.38 -2.29
CA PRO A 192 -16.08 6.73 -1.06
C PRO A 192 -17.22 6.33 -0.12
N ALA A 193 -17.13 5.13 0.43
CA ALA A 193 -18.13 4.62 1.37
C ALA A 193 -18.01 5.36 2.70
N GLY A 194 -19.14 5.80 3.23
CA GLY A 194 -19.18 6.55 4.49
C GLY A 194 -18.56 7.93 4.35
N THR A 195 -19.16 8.74 3.49
CA THR A 195 -18.68 10.12 3.25
C THR A 195 -19.78 11.12 3.61
N THR A 196 -19.39 12.19 4.29
CA THR A 196 -20.33 13.24 4.70
C THR A 196 -20.57 14.25 3.59
N LEU A 197 -19.69 14.28 2.60
CA LEU A 197 -19.79 15.22 1.47
C LEU A 197 -20.80 14.73 0.44
N GLN A 198 -21.28 15.66 -0.39
CA GLN A 198 -22.24 15.35 -1.45
C GLN A 198 -21.54 15.30 -2.81
N PHE A 199 -21.18 14.10 -3.24
CA PHE A 199 -20.53 13.90 -4.54
C PHE A 199 -21.57 13.93 -5.67
N PRO A 200 -21.15 14.37 -6.87
CA PRO A 200 -22.01 14.24 -8.04
C PRO A 200 -22.00 12.81 -8.59
N ALA A 201 -22.70 12.59 -9.69
CA ALA A 201 -22.76 11.26 -10.31
C ALA A 201 -21.57 11.06 -11.23
N PRO A 202 -20.94 9.87 -11.18
CA PRO A 202 -19.82 9.61 -12.08
C PRO A 202 -20.26 9.42 -13.52
N SER A 203 -19.49 9.96 -14.46
CA SER A 203 -19.80 9.85 -15.89
C SER A 203 -19.44 8.47 -16.42
N ARG A 204 -19.90 8.19 -17.64
CA ARG A 204 -19.62 6.94 -18.32
C ARG A 204 -18.19 6.90 -18.86
N THR A 205 -17.66 8.07 -19.23
CA THR A 205 -16.34 8.19 -19.84
C THR A 205 -15.47 9.19 -19.07
N GLY A 206 -14.20 9.30 -19.47
CA GLY A 206 -13.26 10.26 -18.88
C GLY A 206 -12.19 9.59 -18.05
N PRO A 207 -11.25 10.38 -17.50
CA PRO A 207 -10.19 9.84 -16.66
C PRO A 207 -10.73 9.35 -15.32
N TRP A 208 -10.08 8.33 -14.76
CA TRP A 208 -10.46 7.83 -13.44
C TRP A 208 -9.90 8.73 -12.34
N VAL A 209 -10.73 9.01 -11.34
CA VAL A 209 -10.31 9.74 -10.14
C VAL A 209 -10.50 8.79 -8.96
N ARG A 210 -9.39 8.42 -8.32
CA ARG A 210 -9.42 7.43 -7.24
C ARG A 210 -8.83 7.98 -5.95
N ILE A 211 -9.40 7.58 -4.82
CA ILE A 211 -8.87 7.95 -3.51
C ILE A 211 -7.54 7.21 -3.28
N LEU A 212 -6.55 7.93 -2.78
CA LEU A 212 -5.18 7.40 -2.67
C LEU A 212 -5.09 6.13 -1.82
N ALA A 213 -5.82 6.11 -0.70
CA ALA A 213 -5.79 4.96 0.22
C ALA A 213 -6.33 3.67 -0.40
N GLY A 214 -7.07 3.77 -1.51
CA GLY A 214 -7.56 2.61 -2.24
C GLY A 214 -6.48 1.82 -2.96
N GLY A 215 -5.30 2.42 -3.12
CA GLY A 215 -4.16 1.72 -3.72
C GLY A 215 -4.08 1.91 -5.22
N TRP A 216 -3.16 1.18 -5.84
CA TRP A 216 -2.90 1.30 -7.28
C TRP A 216 -3.94 0.55 -8.11
N CYS A 217 -4.39 1.19 -9.18
CA CYS A 217 -5.20 0.55 -10.21
C CYS A 217 -4.56 0.79 -11.57
N PRO A 218 -4.60 -0.23 -12.47
CA PRO A 218 -4.01 -0.07 -13.81
C PRO A 218 -4.51 1.17 -14.56
N GLY A 219 -3.59 1.87 -15.22
CA GLY A 219 -3.92 3.05 -16.01
C GLY A 219 -2.83 3.35 -17.04
N LYS A 220 -3.07 4.32 -17.90
CA LYS A 220 -2.08 4.73 -18.90
C LYS A 220 -1.02 5.59 -18.21
N ASN A 221 -1.39 6.84 -17.92
CA ASN A 221 -0.53 7.74 -17.14
C ASN A 221 -1.19 8.02 -15.81
N SER A 222 -0.40 8.14 -14.75
CA SER A 222 -0.91 8.33 -13.41
C SER A 222 -0.49 9.67 -12.84
N PHE A 223 -1.40 10.33 -12.13
CA PHE A 223 -1.14 11.63 -11.54
C PHE A 223 -1.41 11.55 -10.04
N LEU A 224 -0.68 12.36 -9.28
CA LEU A 224 -0.89 12.45 -7.84
C LEU A 224 -1.21 13.89 -7.45
N ASP A 225 -2.49 14.15 -7.21
CA ASP A 225 -2.96 15.47 -6.82
C ASP A 225 -2.53 15.77 -5.38
N GLU A 226 -2.04 16.98 -5.15
CA GLU A 226 -1.60 17.42 -3.82
C GLU A 226 -0.62 16.43 -3.21
N ALA A 227 0.42 16.10 -3.97
CA ALA A 227 1.38 15.07 -3.59
C ALA A 227 2.10 15.35 -2.27
N ALA A 228 2.33 16.62 -1.95
CA ALA A 228 3.02 17.01 -0.72
C ALA A 228 2.18 16.73 0.53
N TYR A 229 0.86 16.68 0.37
CA TYR A 229 -0.05 16.41 1.49
C TYR A 229 -0.42 14.93 1.63
N CYS A 230 0.13 14.08 0.76
CA CYS A 230 -0.28 12.66 0.69
C CYS A 230 0.45 11.76 1.69
N ASN A 231 -0.27 10.75 2.17
CA ASN A 231 0.29 9.71 3.04
C ASN A 231 1.52 9.05 2.44
N HIS A 232 2.60 9.01 3.21
CA HIS A 232 3.90 8.55 2.73
C HIS A 232 3.87 7.10 2.25
N LEU A 233 3.23 6.22 3.02
CA LEU A 233 3.15 4.81 2.66
C LEU A 233 2.32 4.57 1.39
N ASP A 234 1.22 5.32 1.26
CA ASP A 234 0.39 5.24 0.06
C ASP A 234 1.14 5.71 -1.18
N VAL A 235 1.98 6.74 -1.04
CA VAL A 235 2.80 7.22 -2.15
C VAL A 235 3.76 6.13 -2.61
N LEU A 236 4.45 5.50 -1.65
CA LEU A 236 5.38 4.41 -1.94
C LEU A 236 4.67 3.22 -2.59
N ARG A 237 3.48 2.92 -2.08
CA ARG A 237 2.62 1.89 -2.66
C ARG A 237 2.34 2.19 -4.14
N LEU A 238 2.09 3.47 -4.44
CA LEU A 238 1.81 3.93 -5.79
C LEU A 238 3.06 3.82 -6.68
N LEU A 239 4.20 4.28 -6.16
CA LEU A 239 5.47 4.22 -6.89
C LEU A 239 6.04 2.80 -7.03
N SER A 240 5.50 1.85 -6.27
CA SER A 240 5.86 0.45 -6.44
C SER A 240 5.34 -0.14 -7.76
N LYS A 241 4.27 0.44 -8.29
CA LYS A 241 3.61 -0.09 -9.49
C LYS A 241 3.76 0.79 -10.73
N THR A 242 3.98 2.09 -10.57
CA THR A 242 4.02 3.01 -11.71
C THR A 242 4.80 4.28 -11.44
N THR A 243 5.21 4.95 -12.51
CA THR A 243 5.73 6.31 -12.42
C THR A 243 4.56 7.27 -12.17
N LEU A 244 4.87 8.45 -11.65
CA LEU A 244 3.84 9.43 -11.33
C LEU A 244 4.17 10.80 -11.91
N THR A 245 3.12 11.60 -12.13
CA THR A 245 3.26 13.01 -12.40
C THR A 245 2.59 13.72 -11.23
N CYS A 246 3.41 14.24 -10.32
CA CYS A 246 2.91 14.79 -9.06
C CYS A 246 2.56 16.27 -9.20
N LEU A 247 1.53 16.70 -8.47
CA LEU A 247 0.96 18.04 -8.64
C LEU A 247 0.81 18.78 -7.31
N GLY A 248 0.55 20.08 -7.42
CA GLY A 248 0.32 20.94 -6.27
C GLY A 248 1.58 21.62 -5.77
N ASP A 249 1.52 22.14 -4.55
CA ASP A 249 2.68 22.78 -3.91
C ASP A 249 3.71 21.71 -3.58
N PHE A 250 4.99 22.10 -3.65
CA PHE A 250 6.09 21.20 -3.30
C PHE A 250 6.09 20.94 -1.78
N LYS A 251 5.80 21.98 -1.01
CA LYS A 251 5.64 21.87 0.44
C LYS A 251 4.54 22.81 0.90
N GLN A 252 3.80 22.40 1.93
CA GLN A 252 2.68 23.20 2.45
C GLN A 252 2.20 22.70 3.81
N ASP A 259 6.30 15.91 11.26
CA ASP A 259 6.58 15.29 9.97
C ASP A 259 6.36 16.25 8.80
N SER A 260 6.81 15.85 7.62
CA SER A 260 6.74 16.69 6.43
C SER A 260 6.25 15.86 5.23
N HIS A 261 6.49 16.38 4.02
CA HIS A 261 6.23 15.63 2.78
C HIS A 261 7.15 14.41 2.62
N CYS A 262 6.75 13.50 1.75
CA CYS A 262 7.46 12.24 1.55
C CYS A 262 8.85 12.45 0.98
N TYR A 263 9.82 11.66 1.45
CA TYR A 263 11.23 11.79 1.08
C TYR A 263 11.48 11.66 -0.43
N VAL A 264 10.62 10.92 -1.13
CA VAL A 264 10.77 10.69 -2.57
C VAL A 264 10.79 11.98 -3.40
N PHE A 265 10.16 13.04 -2.90
CA PHE A 265 10.08 14.31 -3.62
C PHE A 265 11.40 15.11 -3.62
N ASP A 266 12.36 14.71 -2.78
CA ASP A 266 13.70 15.28 -2.84
C ASP A 266 14.54 14.63 -3.94
N ILE A 267 14.21 13.38 -4.30
CA ILE A 267 14.91 12.67 -5.36
C ILE A 267 14.25 12.85 -6.73
N MET A 268 12.96 13.22 -6.73
CA MET A 268 12.16 13.25 -7.96
C MET A 268 12.51 14.46 -8.83
N PRO A 269 12.71 14.23 -10.15
CA PRO A 269 12.92 15.34 -11.10
C PRO A 269 11.75 16.33 -11.12
N GLN A 270 12.05 17.58 -11.43
CA GLN A 270 11.04 18.64 -11.40
C GLN A 270 10.89 19.34 -12.75
N THR A 271 9.75 20.01 -12.91
CA THR A 271 9.45 20.81 -14.10
C THR A 271 8.57 21.98 -13.69
N GLN A 272 8.88 23.18 -14.22
CA GLN A 272 8.06 24.37 -13.98
C GLN A 272 7.08 24.59 -15.12
N LEU A 273 6.07 25.44 -14.86
CA LEU A 273 5.01 25.73 -15.82
C LEU A 273 4.06 24.54 -15.96
ZN ZN B . 6.08 -3.54 10.27
ZN ZN C . 15.16 -8.73 1.16
ZN ZN D . 12.42 -19.51 17.43
ZN ZN E . 12.27 17.00 1.25
#